data_4NY3
#
_entry.id   4NY3
#
_cell.length_a   43.670
_cell.length_b   47.970
_cell.length_c   87.180
_cell.angle_alpha   84.41
_cell.angle_beta   80.23
_cell.angle_gamma   88.23
#
_symmetry.space_group_name_H-M   'P 1'
#
loop_
_entity.id
_entity.type
_entity.pdbx_description
1 polymer 'Serine/threonine-protein phosphatase 2A activator'
2 polymer 'Serine/threonine-protein phosphatase 2A catalytic subunit alpha isoform'
3 non-polymer 'SULFATE ION'
4 non-polymer GLYCEROL
5 water water
#
loop_
_entity_poly.entity_id
_entity_poly.type
_entity_poly.pdbx_seq_one_letter_code
_entity_poly.pdbx_strand_id
1 'polypeptide(L)'
;SRNFIIPKKEIHTVPDMGKWKRSQAYADYIGFILTLNEGVKGKKLTFEYRVSEAIEKLVALLNTLDRWIDETPPVDQPSR
FGNKAYRTWYAKLDEEAENLVATVVPTHLAAAVPEVAVYLKESVGNSTRIDYGTGHEAAFAAFLCCLCKIGVLRVDDQIA
IVFKVFNRYLEVMRKLQKTYRMEPAGSQGVWGLDDFQFLPFIWGSSQLIDHPYLEPRHFVDEKAVNENHKDYMFLECILF
ITEMKTGPFAEHSNQLWNISAVPSWSKVNQGLIRMYKAECLEKFPVIQHFKFGSLLPIHPVTSG
;
A,B
2 'polypeptide(L)' TPDYFL C,D
#
# COMPACT_ATOMS: atom_id res chain seq x y z
N ASN A 3 -19.24 14.85 -0.59
CA ASN A 3 -18.49 14.21 0.48
C ASN A 3 -17.75 12.97 0.01
N PHE A 4 -16.69 13.18 -0.77
CA PHE A 4 -15.89 12.06 -1.27
C PHE A 4 -14.98 11.53 -0.16
N ILE A 5 -14.69 10.24 -0.22
CA ILE A 5 -13.91 9.56 0.81
C ILE A 5 -12.86 8.70 0.11
N ILE A 6 -11.61 8.77 0.58
CA ILE A 6 -10.57 7.88 0.07
C ILE A 6 -11.00 6.44 0.33
N PRO A 7 -11.09 5.63 -0.74
CA PRO A 7 -11.51 4.24 -0.58
C PRO A 7 -10.55 3.44 0.28
N LYS A 8 -11.10 2.58 1.14
CA LYS A 8 -10.29 1.73 1.99
C LYS A 8 -10.83 0.31 2.05
N LYS A 9 -9.97 -0.61 2.48
CA LYS A 9 -10.37 -2.01 2.58
C LYS A 9 -11.37 -2.21 3.70
N GLU A 10 -12.33 -3.11 3.50
CA GLU A 10 -13.39 -3.34 4.47
C GLU A 10 -13.66 -4.82 4.67
N ILE A 11 -13.16 -5.64 3.75
CA ILE A 11 -13.37 -7.08 3.82
C ILE A 11 -12.09 -7.70 4.34
N HIS A 12 -12.05 -7.95 5.65
CA HIS A 12 -10.79 -8.31 6.31
C HIS A 12 -10.66 -9.80 6.58
N THR A 13 -11.78 -10.45 6.84
CA THR A 13 -11.79 -11.90 7.09
C THR A 13 -12.87 -12.56 6.27
N VAL A 14 -12.80 -13.89 6.17
CA VAL A 14 -13.79 -14.65 5.40
C VAL A 14 -15.26 -14.34 5.75
N PRO A 15 -15.59 -14.25 7.06
CA PRO A 15 -16.99 -13.93 7.40
C PRO A 15 -17.47 -12.57 6.87
N ASP A 16 -16.55 -11.70 6.49
CA ASP A 16 -16.91 -10.38 5.95
C ASP A 16 -17.49 -10.46 4.54
N MET A 17 -17.39 -11.62 3.91
CA MET A 17 -17.87 -11.78 2.54
C MET A 17 -19.39 -11.54 2.45
N GLY A 18 -20.10 -11.80 3.53
CA GLY A 18 -21.52 -11.53 3.59
C GLY A 18 -21.81 -10.04 3.46
N LYS A 19 -21.03 -9.24 4.19
CA LYS A 19 -21.12 -7.79 4.13
C LYS A 19 -20.90 -7.30 2.70
N TRP A 20 -19.92 -7.89 2.03
CA TRP A 20 -19.59 -7.52 0.66
C TRP A 20 -20.74 -7.82 -0.30
N LYS A 21 -21.28 -9.02 -0.22
CA LYS A 21 -22.38 -9.43 -1.11
C LYS A 21 -23.64 -8.59 -0.91
N ARG A 22 -23.82 -8.04 0.29
CA ARG A 22 -25.00 -7.22 0.57
C ARG A 22 -24.74 -5.73 0.35
N SER A 23 -23.50 -5.39 -0.04
CA SER A 23 -23.10 -4.00 -0.12
C SER A 23 -23.65 -3.26 -1.33
N GLN A 24 -23.73 -1.94 -1.21
CA GLN A 24 -24.08 -1.07 -2.31
C GLN A 24 -23.03 -1.21 -3.41
N ALA A 25 -21.78 -1.32 -3.00
CA ALA A 25 -20.66 -1.42 -3.95
C ALA A 25 -20.84 -2.61 -4.87
N TYR A 26 -21.16 -3.76 -4.29
CA TYR A 26 -21.35 -4.97 -5.07
C TYR A 26 -22.48 -4.78 -6.07
N ALA A 27 -23.62 -4.29 -5.58
CA ALA A 27 -24.78 -4.08 -6.44
C ALA A 27 -24.45 -3.12 -7.58
N ASP A 28 -23.75 -2.03 -7.26
CA ASP A 28 -23.36 -1.06 -8.28
C ASP A 28 -22.35 -1.63 -9.25
N TYR A 29 -21.40 -2.40 -8.73
CA TYR A 29 -20.34 -2.95 -9.56
C TYR A 29 -20.87 -3.96 -10.58
N ILE A 30 -21.64 -4.94 -10.12
CA ILE A 30 -22.14 -5.96 -11.03
C ILE A 30 -23.16 -5.36 -12.00
N GLY A 31 -23.92 -4.37 -11.54
CA GLY A 31 -24.86 -3.67 -12.39
C GLY A 31 -24.16 -2.95 -13.52
N PHE A 32 -22.99 -2.39 -13.21
CA PHE A 32 -22.17 -1.70 -14.20
C PHE A 32 -21.63 -2.68 -15.23
N ILE A 33 -21.07 -3.79 -14.75
CA ILE A 33 -20.55 -4.84 -15.63
C ILE A 33 -21.63 -5.34 -16.60
N LEU A 34 -22.83 -5.55 -16.09
CA LEU A 34 -23.91 -6.10 -16.90
C LEU A 34 -24.50 -5.05 -17.84
N THR A 35 -24.43 -3.79 -17.44
CA THR A 35 -24.90 -2.70 -18.31
C THR A 35 -23.99 -2.58 -19.53
N LEU A 36 -22.68 -2.59 -19.30
CA LEU A 36 -21.72 -2.57 -20.40
C LEU A 36 -21.88 -3.81 -21.27
N ASN A 37 -22.17 -4.94 -20.62
CA ASN A 37 -22.38 -6.20 -21.32
C ASN A 37 -23.52 -6.14 -22.32
N GLU A 38 -24.65 -5.57 -21.90
CA GLU A 38 -25.79 -5.40 -22.80
C GLU A 38 -25.46 -4.43 -23.92
N GLY A 39 -24.71 -3.38 -23.59
CA GLY A 39 -24.39 -2.32 -24.54
C GLY A 39 -23.60 -2.79 -25.75
N VAL A 40 -22.69 -3.73 -25.55
CA VAL A 40 -21.81 -4.17 -26.63
C VAL A 40 -22.35 -5.39 -27.37
N LYS A 41 -23.53 -5.86 -26.97
CA LYS A 41 -24.10 -7.08 -27.54
C LYS A 41 -24.19 -7.06 -29.05
N GLY A 42 -23.56 -8.04 -29.70
CA GLY A 42 -23.65 -8.18 -31.15
C GLY A 42 -22.82 -7.21 -31.98
N LYS A 43 -21.99 -6.40 -31.32
CA LYS A 43 -21.23 -5.37 -32.03
C LYS A 43 -19.75 -5.70 -32.17
N LYS A 44 -19.15 -5.31 -33.29
CA LYS A 44 -17.71 -5.45 -33.51
C LYS A 44 -16.99 -4.26 -32.90
N LEU A 45 -15.69 -4.42 -32.64
CA LEU A 45 -14.85 -3.34 -32.13
C LEU A 45 -14.80 -2.15 -33.10
N THR A 46 -15.08 -2.42 -34.37
CA THR A 46 -15.04 -1.39 -35.39
C THR A 46 -16.37 -0.64 -35.52
N PHE A 47 -17.28 -0.93 -34.60
CA PHE A 47 -18.56 -0.22 -34.52
C PHE A 47 -18.31 1.28 -34.43
N GLU A 48 -19.14 2.06 -35.12
CA GLU A 48 -18.96 3.51 -35.16
C GLU A 48 -19.68 4.17 -34.00
N TYR A 49 -18.92 4.51 -32.94
CA TYR A 49 -19.49 5.08 -31.73
C TYR A 49 -19.01 6.49 -31.44
N ARG A 50 -19.70 7.18 -30.52
CA ARG A 50 -19.29 8.50 -30.06
C ARG A 50 -17.97 8.41 -29.32
N VAL A 51 -17.08 9.35 -29.60
CA VAL A 51 -15.87 9.48 -28.79
C VAL A 51 -15.84 10.84 -28.12
N SER A 52 -16.17 10.85 -26.83
CA SER A 52 -16.26 12.09 -26.07
C SER A 52 -14.87 12.55 -25.63
N GLU A 53 -14.81 13.77 -25.09
CA GLU A 53 -13.56 14.32 -24.60
C GLU A 53 -12.99 13.46 -23.47
N ALA A 54 -13.87 12.98 -22.60
CA ALA A 54 -13.45 12.17 -21.46
C ALA A 54 -12.83 10.84 -21.91
N ILE A 55 -13.40 10.25 -22.95
CA ILE A 55 -12.87 9.01 -23.49
C ILE A 55 -11.46 9.23 -24.06
N GLU A 56 -11.29 10.34 -24.78
CA GLU A 56 -10.00 10.68 -25.35
C GLU A 56 -8.95 10.90 -24.26
N LYS A 57 -9.36 11.54 -23.17
CA LYS A 57 -8.44 11.81 -22.07
C LYS A 57 -8.05 10.52 -21.35
N LEU A 58 -8.99 9.57 -21.29
CA LEU A 58 -8.72 8.27 -20.69
C LEU A 58 -7.76 7.46 -21.56
N VAL A 59 -7.90 7.57 -22.87
CA VAL A 59 -6.97 6.92 -23.77
C VAL A 59 -5.59 7.56 -23.65
N ALA A 60 -5.55 8.89 -23.52
CA ALA A 60 -4.29 9.60 -23.35
C ALA A 60 -3.62 9.17 -22.05
N LEU A 61 -4.44 8.96 -21.01
CA LEU A 61 -3.95 8.49 -19.72
C LEU A 61 -3.26 7.15 -19.88
N LEU A 62 -3.92 6.22 -20.56
CA LEU A 62 -3.35 4.89 -20.78
C LEU A 62 -2.08 4.96 -21.63
N ASN A 63 -2.06 5.89 -22.59
CA ASN A 63 -0.88 6.07 -23.43
C ASN A 63 0.31 6.59 -22.63
N THR A 64 0.01 7.37 -21.59
CA THR A 64 1.06 7.85 -20.69
C THR A 64 1.66 6.69 -19.90
N LEU A 65 0.80 5.80 -19.41
CA LEU A 65 1.26 4.59 -18.71
C LEU A 65 2.12 3.75 -19.64
N ASP A 66 1.69 3.65 -20.89
CA ASP A 66 2.39 2.91 -21.92
C ASP A 66 3.78 3.48 -22.13
N ARG A 67 3.86 4.80 -22.30
CA ARG A 67 5.13 5.49 -22.51
C ARG A 67 6.10 5.23 -21.35
N TRP A 68 5.58 5.23 -20.14
CA TRP A 68 6.40 4.97 -18.95
C TRP A 68 7.03 3.59 -18.97
N ILE A 69 6.31 2.60 -19.52
CA ILE A 69 6.87 1.27 -19.68
C ILE A 69 8.10 1.35 -20.58
N ASP A 70 7.95 2.04 -21.71
CA ASP A 70 9.07 2.22 -22.65
C ASP A 70 10.26 2.90 -21.99
N GLU A 71 9.98 3.84 -21.08
CA GLU A 71 11.03 4.58 -20.41
C GLU A 71 11.62 3.83 -19.22
N THR A 72 11.03 2.68 -18.90
CA THR A 72 11.44 1.89 -17.74
C THR A 72 11.68 0.44 -18.14
N PRO A 73 12.80 0.18 -18.83
CA PRO A 73 13.06 -1.16 -19.36
C PRO A 73 13.29 -2.19 -18.26
N PRO A 74 13.05 -3.48 -18.57
CA PRO A 74 13.36 -4.54 -17.62
C PRO A 74 14.83 -4.45 -17.19
N VAL A 75 15.14 -4.88 -15.98
CA VAL A 75 16.53 -4.94 -15.56
C VAL A 75 17.03 -6.37 -15.57
N ASP A 76 18.34 -6.53 -15.69
CA ASP A 76 18.95 -7.85 -15.59
C ASP A 76 18.87 -8.28 -14.14
N GLN A 77 18.44 -9.51 -13.92
CA GLN A 77 18.25 -10.02 -12.55
C GLN A 77 18.26 -11.54 -12.54
N PRO A 78 18.62 -12.13 -11.38
CA PRO A 78 18.63 -13.59 -11.26
C PRO A 78 17.23 -14.22 -11.25
N SER A 79 16.29 -13.61 -10.54
CA SER A 79 14.94 -14.17 -10.38
C SER A 79 14.27 -14.50 -11.71
N ARG A 80 13.55 -15.61 -11.74
CA ARG A 80 12.92 -16.08 -12.97
C ARG A 80 11.44 -15.71 -12.99
N PHE A 81 11.01 -14.96 -11.98
CA PHE A 81 9.64 -14.46 -11.93
C PHE A 81 9.63 -12.97 -12.28
N GLY A 82 8.79 -12.21 -11.59
CA GLY A 82 8.60 -10.80 -11.88
C GLY A 82 9.86 -9.96 -11.94
N ASN A 83 9.90 -9.04 -12.89
CA ASN A 83 11.06 -8.17 -13.06
C ASN A 83 10.98 -6.94 -12.18
N LYS A 84 12.07 -6.66 -11.46
CA LYS A 84 12.07 -5.59 -10.45
C LYS A 84 11.85 -4.18 -11.02
N ALA A 85 12.06 -4.01 -12.32
CA ALA A 85 11.77 -2.72 -12.95
C ALA A 85 10.29 -2.36 -12.85
N TYR A 86 9.44 -3.34 -12.61
CA TYR A 86 8.02 -3.06 -12.41
C TYR A 86 7.81 -2.12 -11.23
N ARG A 87 8.60 -2.30 -10.18
CA ARG A 87 8.47 -1.46 -9.00
C ARG A 87 8.83 -0.02 -9.31
N THR A 88 9.75 0.18 -10.26
CA THR A 88 10.09 1.51 -10.70
C THR A 88 8.93 2.11 -11.47
N TRP A 89 8.35 1.33 -12.37
CA TRP A 89 7.19 1.78 -13.13
C TRP A 89 6.04 2.10 -12.18
N TYR A 90 5.78 1.19 -11.25
CA TYR A 90 4.65 1.40 -10.35
C TYR A 90 4.80 2.65 -9.48
N ALA A 91 6.02 2.95 -9.07
CA ALA A 91 6.29 4.12 -8.23
C ALA A 91 5.94 5.39 -8.98
N LYS A 92 6.14 5.38 -10.30
CA LYS A 92 5.82 6.53 -11.13
C LYS A 92 4.30 6.71 -11.19
N LEU A 93 3.59 5.61 -11.40
CA LEU A 93 2.13 5.66 -11.42
C LEU A 93 1.58 6.08 -10.05
N ASP A 94 2.16 5.52 -9.00
CA ASP A 94 1.73 5.82 -7.65
C ASP A 94 1.80 7.31 -7.35
N GLU A 95 2.90 7.94 -7.73
CA GLU A 95 3.06 9.37 -7.47
C GLU A 95 2.23 10.26 -8.41
N GLU A 96 1.92 9.75 -9.59
CA GLU A 96 1.28 10.57 -10.62
C GLU A 96 -0.21 10.29 -10.81
N ALA A 97 -0.75 9.32 -10.09
CA ALA A 97 -2.13 8.88 -10.31
C ALA A 97 -3.14 10.02 -10.21
N GLU A 98 -3.02 10.84 -9.17
CA GLU A 98 -3.96 11.95 -9.01
C GLU A 98 -3.85 12.98 -10.13
N ASN A 99 -2.62 13.28 -10.55
CA ASN A 99 -2.41 14.19 -11.68
C ASN A 99 -3.06 13.65 -12.94
N LEU A 100 -2.86 12.36 -13.19
CA LEU A 100 -3.43 11.71 -14.36
C LEU A 100 -4.96 11.76 -14.35
N VAL A 101 -5.55 11.44 -13.20
CA VAL A 101 -7.00 11.45 -13.07
C VAL A 101 -7.54 12.87 -13.24
N ALA A 102 -6.77 13.86 -12.79
CA ALA A 102 -7.16 15.25 -12.92
C ALA A 102 -7.21 15.74 -14.37
N THR A 103 -6.59 14.98 -15.29
CA THR A 103 -6.67 15.34 -16.71
C THR A 103 -7.99 14.88 -17.30
N VAL A 104 -8.66 13.95 -16.63
CA VAL A 104 -9.93 13.41 -17.12
C VAL A 104 -11.12 14.10 -16.45
N VAL A 105 -11.03 14.26 -15.13
CA VAL A 105 -12.11 14.84 -14.34
C VAL A 105 -12.14 16.37 -14.47
N PRO A 106 -13.30 16.93 -14.84
CA PRO A 106 -13.50 18.39 -14.90
C PRO A 106 -13.14 19.06 -13.57
N THR A 107 -12.68 20.31 -13.65
CA THR A 107 -12.13 20.99 -12.49
C THR A 107 -13.12 21.16 -11.33
N HIS A 108 -14.40 21.33 -11.65
CA HIS A 108 -15.39 21.52 -10.60
C HIS A 108 -15.61 20.25 -9.77
N LEU A 109 -15.12 19.11 -10.27
CA LEU A 109 -15.22 17.85 -9.55
C LEU A 109 -13.86 17.41 -9.00
N ALA A 110 -12.96 18.37 -8.80
CA ALA A 110 -11.61 18.09 -8.32
C ALA A 110 -11.62 17.35 -6.97
N ALA A 111 -12.65 17.59 -6.17
CA ALA A 111 -12.77 16.92 -4.88
C ALA A 111 -12.87 15.40 -5.01
N ALA A 112 -13.31 14.93 -6.17
CA ALA A 112 -13.47 13.50 -6.42
C ALA A 112 -12.18 12.82 -6.87
N VAL A 113 -11.20 13.62 -7.29
CA VAL A 113 -9.97 13.06 -7.86
C VAL A 113 -9.21 12.09 -6.94
N PRO A 114 -8.98 12.47 -5.67
CA PRO A 114 -8.26 11.51 -4.82
C PRO A 114 -8.99 10.17 -4.65
N GLU A 115 -10.31 10.19 -4.49
CA GLU A 115 -11.05 8.94 -4.35
C GLU A 115 -10.96 8.09 -5.61
N VAL A 116 -11.20 8.72 -6.76
CA VAL A 116 -11.19 8.02 -8.03
C VAL A 116 -9.80 7.47 -8.35
N ALA A 117 -8.77 8.24 -8.02
CA ALA A 117 -7.39 7.85 -8.31
C ALA A 117 -6.97 6.58 -7.58
N VAL A 118 -7.57 6.32 -6.42
CA VAL A 118 -7.25 5.12 -5.66
C VAL A 118 -7.53 3.88 -6.49
N TYR A 119 -8.65 3.86 -7.21
CA TYR A 119 -8.96 2.70 -8.04
C TYR A 119 -7.97 2.53 -9.19
N LEU A 120 -7.48 3.64 -9.73
CA LEU A 120 -6.45 3.59 -10.77
C LEU A 120 -5.17 2.95 -10.22
N LYS A 121 -4.79 3.36 -9.01
CA LYS A 121 -3.58 2.81 -8.36
C LYS A 121 -3.70 1.31 -8.07
N GLU A 122 -4.93 0.80 -8.03
CA GLU A 122 -5.16 -0.60 -7.71
C GLU A 122 -5.44 -1.42 -8.97
N SER A 123 -5.34 -0.79 -10.14
CA SER A 123 -5.76 -1.41 -11.39
CA SER A 123 -5.77 -1.45 -11.38
C SER A 123 -4.65 -2.02 -12.23
N VAL A 124 -3.41 -1.93 -11.76
CA VAL A 124 -2.28 -2.28 -12.63
C VAL A 124 -1.35 -3.36 -12.10
N GLY A 125 -1.75 -4.04 -11.03
CA GLY A 125 -0.92 -5.10 -10.47
C GLY A 125 -0.35 -4.75 -9.11
N ASN A 126 0.34 -5.71 -8.52
CA ASN A 126 0.90 -5.55 -7.17
C ASN A 126 2.40 -5.36 -7.21
N SER A 127 2.88 -4.24 -6.68
CA SER A 127 4.30 -3.91 -6.71
C SER A 127 5.15 -4.95 -5.98
N THR A 128 4.72 -5.31 -4.78
CA THR A 128 5.49 -6.24 -3.95
C THR A 128 5.65 -7.63 -4.57
N ARG A 129 4.56 -8.17 -5.10
CA ARG A 129 4.59 -9.51 -5.65
C ARG A 129 4.88 -9.53 -7.15
N ILE A 130 4.91 -8.34 -7.75
CA ILE A 130 4.99 -8.20 -9.21
C ILE A 130 4.04 -9.19 -9.86
N ASP A 131 2.77 -9.08 -9.48
CA ASP A 131 1.75 -9.96 -10.06
C ASP A 131 0.51 -9.18 -10.49
N TYR A 132 -0.39 -9.85 -11.20
CA TYR A 132 -1.60 -9.20 -11.69
C TYR A 132 -2.70 -10.24 -11.72
N GLY A 133 -3.90 -9.85 -11.32
CA GLY A 133 -5.02 -10.77 -11.34
C GLY A 133 -6.33 -10.07 -11.60
N THR A 134 -7.42 -10.83 -11.48
CA THR A 134 -8.74 -10.31 -11.77
C THR A 134 -9.17 -9.21 -10.80
N GLY A 135 -8.49 -9.12 -9.65
CA GLY A 135 -8.77 -8.06 -8.70
C GLY A 135 -8.32 -6.70 -9.20
N HIS A 136 -7.20 -6.68 -9.93
CA HIS A 136 -6.71 -5.45 -10.50
C HIS A 136 -7.59 -5.03 -11.67
N GLU A 137 -8.00 -6.00 -12.49
CA GLU A 137 -8.90 -5.75 -13.58
C GLU A 137 -10.20 -5.17 -13.06
N ALA A 138 -10.68 -5.73 -11.95
CA ALA A 138 -11.91 -5.25 -11.32
C ALA A 138 -11.76 -3.82 -10.83
N ALA A 139 -10.57 -3.49 -10.32
CA ALA A 139 -10.32 -2.13 -9.86
C ALA A 139 -10.41 -1.15 -11.03
N PHE A 140 -10.00 -1.58 -12.22
CA PHE A 140 -10.11 -0.69 -13.37
C PHE A 140 -11.57 -0.48 -13.76
N ALA A 141 -12.36 -1.54 -13.72
CA ALA A 141 -13.81 -1.40 -13.96
C ALA A 141 -14.41 -0.48 -12.90
N ALA A 142 -13.98 -0.63 -11.66
CA ALA A 142 -14.44 0.23 -10.57
C ALA A 142 -14.09 1.69 -10.81
N PHE A 143 -12.88 1.91 -11.32
CA PHE A 143 -12.40 3.23 -11.69
C PHE A 143 -13.33 3.87 -12.71
N LEU A 144 -13.67 3.10 -13.75
CA LEU A 144 -14.56 3.59 -14.80
C LEU A 144 -15.97 3.78 -14.27
N CYS A 145 -16.41 2.88 -13.40
CA CYS A 145 -17.72 2.99 -12.74
C CYS A 145 -17.83 4.30 -11.96
N CYS A 146 -16.78 4.66 -11.22
CA CYS A 146 -16.75 5.92 -10.48
C CYS A 146 -16.90 7.12 -11.40
N LEU A 147 -16.23 7.08 -12.55
CA LEU A 147 -16.31 8.19 -13.50
C LEU A 147 -17.73 8.35 -14.06
N CYS A 148 -18.44 7.24 -14.19
CA CYS A 148 -19.84 7.29 -14.62
C CYS A 148 -20.70 7.89 -13.51
N LYS A 149 -20.42 7.47 -12.28
CA LYS A 149 -21.19 7.91 -11.12
C LYS A 149 -21.14 9.42 -10.90
N ILE A 150 -20.00 10.03 -11.18
CA ILE A 150 -19.88 11.47 -11.00
C ILE A 150 -20.20 12.25 -12.28
N GLY A 151 -20.60 11.54 -13.31
CA GLY A 151 -21.08 12.17 -14.53
C GLY A 151 -20.01 12.57 -15.53
N VAL A 152 -18.78 12.14 -15.30
CA VAL A 152 -17.71 12.41 -16.25
C VAL A 152 -17.93 11.61 -17.52
N LEU A 153 -18.26 10.34 -17.36
CA LEU A 153 -18.68 9.49 -18.46
C LEU A 153 -20.21 9.42 -18.43
N ARG A 154 -20.82 9.45 -19.61
CA ARG A 154 -22.28 9.42 -19.71
C ARG A 154 -22.75 8.13 -20.37
N VAL A 155 -24.07 7.94 -20.44
CA VAL A 155 -24.65 6.74 -21.01
C VAL A 155 -24.17 6.52 -22.45
N ASP A 156 -24.03 7.63 -23.17
CA ASP A 156 -23.57 7.58 -24.55
C ASP A 156 -22.11 7.11 -24.69
N ASP A 157 -21.40 7.09 -23.57
CA ASP A 157 -19.99 6.67 -23.58
C ASP A 157 -19.79 5.18 -23.30
N GLN A 158 -20.86 4.49 -22.94
CA GLN A 158 -20.73 3.12 -22.43
CA GLN A 158 -20.75 3.12 -22.44
C GLN A 158 -20.12 2.13 -23.44
N ILE A 159 -20.41 2.31 -24.72
CA ILE A 159 -19.78 1.45 -25.72
C ILE A 159 -18.30 1.77 -25.84
N ALA A 160 -17.96 3.06 -25.84
CA ALA A 160 -16.57 3.48 -25.93
C ALA A 160 -15.78 3.05 -24.70
N ILE A 161 -16.44 2.97 -23.56
CA ILE A 161 -15.81 2.51 -22.32
C ILE A 161 -15.20 1.13 -22.52
N VAL A 162 -15.92 0.26 -23.21
CA VAL A 162 -15.44 -1.09 -23.47
C VAL A 162 -14.54 -1.16 -24.70
N PHE A 163 -15.04 -0.66 -25.82
CA PHE A 163 -14.38 -0.85 -27.11
C PHE A 163 -13.12 0.00 -27.28
N LYS A 164 -13.06 1.13 -26.58
CA LYS A 164 -11.91 2.01 -26.72
C LYS A 164 -11.05 2.03 -25.47
N VAL A 165 -11.63 2.36 -24.32
CA VAL A 165 -10.85 2.49 -23.10
C VAL A 165 -10.39 1.15 -22.53
N PHE A 166 -11.34 0.25 -22.25
CA PHE A 166 -10.96 -1.05 -21.68
C PHE A 166 -10.09 -1.84 -22.65
N ASN A 167 -10.39 -1.71 -23.94
CA ASN A 167 -9.59 -2.36 -24.96
C ASN A 167 -8.13 -1.90 -24.93
N ARG A 168 -7.94 -0.60 -24.78
CA ARG A 168 -6.60 -0.03 -24.70
C ARG A 168 -5.93 -0.44 -23.39
N TYR A 169 -6.70 -0.46 -22.31
CA TYR A 169 -6.21 -0.91 -21.01
C TYR A 169 -5.64 -2.33 -21.12
N LEU A 170 -6.37 -3.22 -21.78
CA LEU A 170 -5.91 -4.60 -21.95
C LEU A 170 -4.59 -4.65 -22.71
N GLU A 171 -4.41 -3.77 -23.68
CA GLU A 171 -3.16 -3.74 -24.45
C GLU A 171 -1.99 -3.35 -23.57
N VAL A 172 -2.21 -2.36 -22.70
CA VAL A 172 -1.17 -1.91 -21.80
C VAL A 172 -0.88 -2.96 -20.73
N MET A 173 -1.93 -3.62 -20.24
CA MET A 173 -1.73 -4.69 -19.25
C MET A 173 -0.94 -5.84 -19.86
N ARG A 174 -1.24 -6.20 -21.10
CA ARG A 174 -0.49 -7.27 -21.75
C ARG A 174 0.97 -6.90 -21.88
N LYS A 175 1.22 -5.62 -22.15
CA LYS A 175 2.59 -5.11 -22.29
C LYS A 175 3.31 -5.18 -20.95
N LEU A 176 2.62 -4.78 -19.87
CA LEU A 176 3.18 -4.91 -18.53
C LEU A 176 3.50 -6.38 -18.21
N GLN A 177 2.52 -7.24 -18.44
CA GLN A 177 2.65 -8.66 -18.13
C GLN A 177 3.81 -9.30 -18.85
N LYS A 178 3.96 -9.01 -20.14
CA LYS A 178 5.07 -9.54 -20.92
C LYS A 178 6.40 -8.88 -20.55
N THR A 179 6.42 -7.55 -20.56
CA THR A 179 7.67 -6.81 -20.36
C THR A 179 8.28 -7.06 -18.99
N TYR A 180 7.45 -7.09 -17.95
CA TYR A 180 7.98 -7.27 -16.59
C TYR A 180 7.79 -8.68 -16.06
N ARG A 181 7.45 -9.61 -16.96
CA ARG A 181 7.30 -11.02 -16.62
C ARG A 181 6.43 -11.23 -15.38
N MET A 182 5.29 -10.57 -15.34
CA MET A 182 4.45 -10.59 -14.15
C MET A 182 3.83 -11.97 -13.91
N GLU A 183 3.72 -12.35 -12.65
CA GLU A 183 3.10 -13.60 -12.28
C GLU A 183 1.59 -13.45 -12.23
N PRO A 184 0.85 -14.52 -12.55
CA PRO A 184 -0.59 -14.51 -12.28
C PRO A 184 -0.81 -14.42 -10.76
N ALA A 185 -1.76 -13.57 -10.34
CA ALA A 185 -1.98 -13.36 -8.91
C ALA A 185 -2.70 -14.53 -8.27
N GLY A 186 -3.57 -15.19 -9.02
CA GLY A 186 -4.34 -16.29 -8.48
C GLY A 186 -3.56 -17.57 -8.21
N GLY A 189 -5.35 -22.83 -11.16
CA GLY A 189 -5.83 -24.21 -11.17
C GLY A 189 -6.35 -24.63 -12.53
N VAL A 190 -6.60 -25.93 -12.68
CA VAL A 190 -7.06 -26.51 -13.95
C VAL A 190 -8.36 -25.89 -14.46
N TRP A 191 -9.13 -25.28 -13.57
CA TRP A 191 -10.43 -24.72 -13.95
C TRP A 191 -10.44 -23.20 -13.95
N GLY A 192 -9.27 -22.60 -13.77
CA GLY A 192 -9.14 -21.15 -13.90
C GLY A 192 -9.37 -20.73 -15.33
N LEU A 193 -10.06 -19.62 -15.53
CA LEU A 193 -10.41 -19.19 -16.88
C LEU A 193 -9.18 -18.73 -17.66
N ASP A 194 -8.45 -17.79 -17.08
CA ASP A 194 -7.31 -17.14 -17.74
C ASP A 194 -6.28 -16.77 -16.69
N ASP A 195 -5.02 -16.64 -17.10
CA ASP A 195 -3.97 -16.27 -16.16
C ASP A 195 -4.20 -14.91 -15.51
N PHE A 196 -4.74 -13.98 -16.27
CA PHE A 196 -4.79 -12.58 -15.84
C PHE A 196 -6.16 -11.92 -15.86
N GLN A 197 -6.96 -12.22 -16.88
CA GLN A 197 -8.17 -11.45 -17.13
C GLN A 197 -9.45 -12.25 -16.97
N PHE A 198 -10.58 -11.55 -16.96
CA PHE A 198 -11.89 -12.19 -16.97
C PHE A 198 -12.90 -11.38 -17.75
N LEU A 199 -13.05 -10.11 -17.37
CA LEU A 199 -14.04 -9.22 -18.00
C LEU A 199 -14.09 -9.21 -19.54
N PRO A 200 -12.93 -9.24 -20.22
CA PRO A 200 -13.00 -9.26 -21.69
C PRO A 200 -13.62 -10.54 -22.27
N PHE A 201 -13.64 -11.62 -21.51
CA PHE A 201 -14.31 -12.84 -21.98
C PHE A 201 -15.83 -12.67 -21.87
N ILE A 202 -16.28 -11.97 -20.84
CA ILE A 202 -17.70 -11.67 -20.68
C ILE A 202 -18.18 -10.72 -21.79
N TRP A 203 -17.62 -9.52 -21.83
CA TRP A 203 -18.03 -8.53 -22.84
C TRP A 203 -17.75 -9.03 -24.25
N GLY A 204 -16.68 -9.81 -24.41
CA GLY A 204 -16.32 -10.35 -25.71
C GLY A 204 -17.32 -11.37 -26.21
N SER A 205 -17.79 -12.24 -25.31
CA SER A 205 -18.79 -13.22 -25.71
C SER A 205 -20.11 -12.53 -26.04
N SER A 206 -20.36 -11.39 -25.42
CA SER A 206 -21.56 -10.60 -25.71
C SER A 206 -21.51 -10.06 -27.13
N GLN A 207 -20.33 -9.62 -27.57
CA GLN A 207 -20.14 -9.15 -28.92
C GLN A 207 -20.55 -10.20 -29.94
N LEU A 208 -20.27 -11.46 -29.61
CA LEU A 208 -20.40 -12.55 -30.55
C LEU A 208 -21.76 -13.22 -30.53
N ILE A 209 -22.65 -12.76 -29.66
CA ILE A 209 -24.00 -13.32 -29.61
C ILE A 209 -24.70 -13.13 -30.96
N ASP A 210 -25.32 -14.21 -31.45
CA ASP A 210 -25.99 -14.21 -32.74
C ASP A 210 -25.06 -13.91 -33.92
N HIS A 211 -23.78 -14.26 -33.77
CA HIS A 211 -22.85 -14.08 -34.89
C HIS A 211 -23.25 -14.97 -36.04
N PRO A 212 -23.15 -14.47 -37.28
CA PRO A 212 -23.58 -15.23 -38.45
C PRO A 212 -22.79 -16.52 -38.72
N TYR A 213 -21.52 -16.58 -38.33
CA TYR A 213 -20.73 -17.77 -38.62
C TYR A 213 -19.79 -18.27 -37.52
N LEU A 214 -19.42 -17.41 -36.59
CA LEU A 214 -18.53 -17.83 -35.50
C LEU A 214 -19.32 -18.42 -34.33
N GLU A 215 -18.95 -19.63 -33.93
CA GLU A 215 -19.51 -20.30 -32.77
C GLU A 215 -18.39 -20.47 -31.77
N PRO A 216 -18.73 -20.75 -30.50
CA PRO A 216 -17.67 -20.93 -29.50
C PRO A 216 -16.62 -21.97 -29.90
N ARG A 217 -17.03 -23.05 -30.59
CA ARG A 217 -16.10 -24.06 -31.04
C ARG A 217 -14.98 -23.50 -31.93
N HIS A 218 -15.25 -22.36 -32.56
CA HIS A 218 -14.29 -21.73 -33.46
C HIS A 218 -13.13 -21.00 -32.76
N PHE A 219 -13.24 -20.68 -31.48
CA PHE A 219 -12.15 -19.92 -30.85
C PHE A 219 -10.88 -20.73 -30.56
N VAL A 220 -10.97 -22.05 -30.65
CA VAL A 220 -9.78 -22.89 -30.53
C VAL A 220 -9.21 -23.22 -31.92
N ASP A 221 -9.80 -22.61 -32.95
CA ASP A 221 -9.28 -22.69 -34.30
C ASP A 221 -8.41 -21.47 -34.57
N GLU A 222 -7.10 -21.69 -34.70
CA GLU A 222 -6.16 -20.58 -34.88
C GLU A 222 -6.47 -19.73 -36.10
N LYS A 223 -6.95 -20.37 -37.16
CA LYS A 223 -7.35 -19.67 -38.38
C LYS A 223 -8.47 -18.67 -38.09
N ALA A 224 -9.50 -19.14 -37.38
CA ALA A 224 -10.64 -18.31 -37.05
C ALA A 224 -10.22 -17.11 -36.20
N VAL A 225 -9.33 -17.35 -35.24
CA VAL A 225 -8.85 -16.27 -34.39
C VAL A 225 -8.03 -15.27 -35.18
N ASN A 226 -7.13 -15.76 -36.02
CA ASN A 226 -6.28 -14.89 -36.82
C ASN A 226 -7.08 -13.99 -37.78
N GLU A 227 -8.17 -14.53 -38.31
CA GLU A 227 -8.96 -13.79 -39.28
C GLU A 227 -9.96 -12.81 -38.65
N ASN A 228 -10.22 -12.96 -37.35
CA ASN A 228 -11.31 -12.22 -36.72
C ASN A 228 -10.98 -11.46 -35.44
N HIS A 229 -9.76 -11.61 -34.94
CA HIS A 229 -9.41 -11.05 -33.62
C HIS A 229 -9.51 -9.53 -33.54
N LYS A 230 -9.34 -8.85 -34.67
CA LYS A 230 -9.36 -7.39 -34.68
C LYS A 230 -10.75 -6.83 -34.40
N ASP A 231 -11.79 -7.65 -34.62
CA ASP A 231 -13.16 -7.23 -34.40
C ASP A 231 -13.69 -7.67 -33.05
N TYR A 232 -13.03 -8.65 -32.44
CA TYR A 232 -13.61 -9.32 -31.27
C TYR A 232 -12.65 -9.48 -30.08
N MET A 233 -13.02 -8.82 -28.99
CA MET A 233 -12.24 -8.82 -27.76
CA MET A 233 -12.23 -8.83 -27.75
C MET A 233 -11.96 -10.24 -27.22
N PHE A 234 -12.97 -11.10 -27.29
CA PHE A 234 -12.82 -12.48 -26.84
C PHE A 234 -11.69 -13.17 -27.61
N LEU A 235 -11.69 -12.98 -28.93
CA LEU A 235 -10.69 -13.64 -29.77
C LEU A 235 -9.29 -13.06 -29.56
N GLU A 236 -9.23 -11.76 -29.26
CA GLU A 236 -7.95 -11.12 -28.97
C GLU A 236 -7.31 -11.74 -27.73
N CYS A 237 -8.13 -12.06 -26.73
CA CYS A 237 -7.66 -12.71 -25.52
C CYS A 237 -7.12 -14.10 -25.80
N ILE A 238 -7.82 -14.84 -26.65
CA ILE A 238 -7.38 -16.17 -27.06
C ILE A 238 -6.03 -16.10 -27.77
N LEU A 239 -5.90 -15.13 -28.67
CA LEU A 239 -4.65 -14.93 -29.41
C LEU A 239 -3.48 -14.67 -28.46
N PHE A 240 -3.72 -13.88 -27.42
CA PHE A 240 -2.71 -13.61 -26.42
C PHE A 240 -2.28 -14.89 -25.71
N ILE A 241 -3.24 -15.75 -25.40
CA ILE A 241 -2.95 -17.02 -24.75
C ILE A 241 -2.10 -17.92 -25.63
N THR A 242 -2.50 -18.07 -26.89
CA THR A 242 -1.81 -18.98 -27.80
C THR A 242 -0.42 -18.47 -28.18
N GLU A 243 -0.15 -17.21 -27.89
CA GLU A 243 1.20 -16.66 -28.10
C GLU A 243 2.04 -16.80 -26.84
N MET A 244 1.36 -16.81 -25.69
CA MET A 244 2.04 -16.90 -24.40
C MET A 244 2.27 -18.33 -23.95
N LYS A 245 1.56 -19.27 -24.58
CA LYS A 245 1.60 -20.65 -24.13
C LYS A 245 1.89 -21.65 -25.25
N THR A 246 2.46 -22.79 -24.90
CA THR A 246 2.89 -23.78 -25.88
C THR A 246 2.09 -25.07 -25.76
N GLY A 247 1.99 -25.81 -26.85
CA GLY A 247 1.36 -27.11 -26.84
C GLY A 247 -0.13 -27.07 -27.11
N PRO A 248 -0.82 -28.20 -26.90
CA PRO A 248 -2.25 -28.31 -27.15
C PRO A 248 -3.05 -27.39 -26.24
N PHE A 249 -4.05 -26.73 -26.81
CA PHE A 249 -4.91 -25.81 -26.09
C PHE A 249 -5.56 -26.46 -24.86
N ALA A 250 -5.97 -27.72 -25.02
CA ALA A 250 -6.63 -28.44 -23.94
C ALA A 250 -5.73 -28.59 -22.72
N GLU A 251 -4.42 -28.60 -22.95
CA GLU A 251 -3.45 -28.80 -21.89
C GLU A 251 -3.20 -27.51 -21.10
N HIS A 252 -3.04 -26.40 -21.81
CA HIS A 252 -2.69 -25.13 -21.15
C HIS A 252 -3.89 -24.29 -20.72
N SER A 253 -5.03 -24.50 -21.36
CA SER A 253 -6.23 -23.73 -21.02
C SER A 253 -7.46 -24.63 -20.97
N ASN A 254 -7.49 -25.52 -19.97
CA ASN A 254 -8.54 -26.53 -19.86
C ASN A 254 -9.96 -25.97 -19.72
N GLN A 255 -10.12 -24.91 -18.95
CA GLN A 255 -11.43 -24.31 -18.77
C GLN A 255 -11.95 -23.74 -20.10
N LEU A 256 -11.11 -22.98 -20.79
CA LEU A 256 -11.50 -22.40 -22.08
C LEU A 256 -11.72 -23.47 -23.14
N TRP A 257 -10.96 -24.55 -23.06
CA TRP A 257 -11.14 -25.68 -23.98
C TRP A 257 -12.55 -26.26 -23.84
N ASN A 258 -12.97 -26.47 -22.60
CA ASN A 258 -14.32 -26.97 -22.33
C ASN A 258 -15.42 -25.98 -22.71
N ILE A 259 -15.11 -24.69 -22.61
CA ILE A 259 -16.08 -23.66 -22.97
C ILE A 259 -16.31 -23.62 -24.49
N SER A 260 -15.31 -24.04 -25.26
CA SER A 260 -15.46 -24.08 -26.70
C SER A 260 -16.54 -25.08 -27.14
N ALA A 261 -16.92 -25.98 -26.24
CA ALA A 261 -17.95 -26.97 -26.56
C ALA A 261 -19.35 -26.49 -26.21
N VAL A 262 -19.46 -25.31 -25.61
CA VAL A 262 -20.76 -24.69 -25.39
C VAL A 262 -21.34 -24.29 -26.76
N PRO A 263 -22.58 -24.70 -27.04
CA PRO A 263 -23.12 -24.51 -28.40
C PRO A 263 -23.30 -23.06 -28.83
N SER A 264 -23.65 -22.17 -27.90
CA SER A 264 -23.94 -20.79 -28.28
C SER A 264 -23.17 -19.76 -27.45
N TRP A 265 -22.84 -18.64 -28.08
CA TRP A 265 -22.19 -17.54 -27.38
C TRP A 265 -23.10 -17.00 -26.28
N SER A 266 -24.39 -17.03 -26.53
CA SER A 266 -25.36 -16.59 -25.53
CA SER A 266 -25.39 -16.60 -25.53
CA SER A 266 -25.37 -16.59 -25.52
C SER A 266 -25.19 -17.36 -24.22
N LYS A 267 -25.03 -18.68 -24.32
CA LYS A 267 -24.83 -19.51 -23.12
C LYS A 267 -23.42 -19.33 -22.55
N VAL A 268 -22.45 -19.07 -23.43
CA VAL A 268 -21.11 -18.74 -22.98
C VAL A 268 -21.16 -17.50 -22.11
N ASN A 269 -21.84 -16.47 -22.60
CA ASN A 269 -21.96 -15.21 -21.86
C ASN A 269 -22.67 -15.39 -20.52
N GLN A 270 -23.78 -16.13 -20.52
CA GLN A 270 -24.52 -16.40 -19.28
C GLN A 270 -23.66 -17.16 -18.27
N GLY A 271 -22.96 -18.18 -18.75
CA GLY A 271 -22.12 -19.01 -17.91
C GLY A 271 -20.92 -18.26 -17.36
N LEU A 272 -20.32 -17.39 -18.17
CA LEU A 272 -19.17 -16.62 -17.73
C LEU A 272 -19.54 -15.65 -16.63
N ILE A 273 -20.76 -15.10 -16.71
CA ILE A 273 -21.23 -14.17 -15.70
C ILE A 273 -21.43 -14.91 -14.37
N ARG A 274 -21.97 -16.12 -14.42
CA ARG A 274 -22.11 -16.94 -13.22
C ARG A 274 -20.73 -17.34 -12.66
N MET A 275 -19.79 -17.65 -13.55
CA MET A 275 -18.44 -17.99 -13.14
C MET A 275 -17.73 -16.79 -12.51
N TYR A 276 -17.96 -15.61 -13.09
CA TYR A 276 -17.34 -14.39 -12.60
C TYR A 276 -17.79 -14.10 -11.17
N LYS A 277 -19.09 -14.22 -10.92
CA LYS A 277 -19.62 -14.04 -9.59
C LYS A 277 -18.98 -15.00 -8.59
N ALA A 278 -18.84 -16.26 -9.00
CA ALA A 278 -18.33 -17.30 -8.10
C ALA A 278 -16.82 -17.33 -7.95
N GLU A 279 -16.09 -17.08 -9.03
CA GLU A 279 -14.64 -17.26 -9.02
C GLU A 279 -13.85 -15.97 -8.86
N CYS A 280 -14.53 -14.83 -8.95
CA CYS A 280 -13.87 -13.54 -8.71
C CYS A 280 -14.56 -12.80 -7.57
N LEU A 281 -15.85 -12.53 -7.74
CA LEU A 281 -16.58 -11.67 -6.82
C LEU A 281 -16.98 -12.34 -5.50
N GLU A 282 -16.89 -13.67 -5.45
CA GLU A 282 -17.18 -14.40 -4.23
C GLU A 282 -15.93 -15.12 -3.73
N LYS A 283 -14.77 -14.69 -4.23
CA LYS A 283 -13.49 -15.26 -3.85
C LYS A 283 -12.81 -14.32 -2.86
N PHE A 284 -12.71 -14.75 -1.60
CA PHE A 284 -12.07 -13.93 -0.56
C PHE A 284 -10.65 -13.42 -0.88
N PRO A 285 -9.76 -14.27 -1.44
CA PRO A 285 -8.41 -13.79 -1.75
C PRO A 285 -8.37 -12.60 -2.70
N VAL A 286 -9.43 -12.43 -3.49
CA VAL A 286 -9.54 -11.29 -4.40
C VAL A 286 -10.23 -10.12 -3.71
N ILE A 287 -11.40 -10.38 -3.15
CA ILE A 287 -12.26 -9.34 -2.59
C ILE A 287 -11.67 -8.66 -1.36
N GLN A 288 -10.81 -9.37 -0.64
CA GLN A 288 -10.18 -8.79 0.55
C GLN A 288 -9.44 -7.48 0.23
N HIS A 289 -9.04 -7.29 -1.03
CA HIS A 289 -8.30 -6.10 -1.44
C HIS A 289 -9.17 -5.02 -2.07
N PHE A 290 -10.47 -5.28 -2.21
CA PHE A 290 -11.39 -4.31 -2.77
C PHE A 290 -11.49 -3.11 -1.82
N LYS A 291 -11.45 -1.90 -2.39
CA LYS A 291 -11.52 -0.70 -1.57
C LYS A 291 -12.87 0.01 -1.72
N PHE A 292 -13.35 0.56 -0.61
CA PHE A 292 -14.68 1.14 -0.54
C PHE A 292 -14.63 2.58 -0.04
N GLY A 293 -15.27 3.48 -0.77
CA GLY A 293 -15.30 4.89 -0.39
C GLY A 293 -16.72 5.41 -0.35
N SER A 294 -16.95 6.53 -1.03
CA SER A 294 -18.27 7.12 -1.09
C SER A 294 -19.01 6.68 -2.36
N LEU A 295 -18.26 6.47 -3.43
CA LEU A 295 -18.86 6.15 -4.72
C LEU A 295 -19.22 4.67 -4.82
N LEU A 296 -18.36 3.82 -4.28
CA LEU A 296 -18.65 2.40 -4.15
C LEU A 296 -18.56 2.04 -2.68
N PRO A 297 -19.66 2.25 -1.94
CA PRO A 297 -19.64 2.15 -0.47
C PRO A 297 -19.91 0.75 0.07
N ILE A 298 -19.38 0.50 1.26
CA ILE A 298 -19.52 -0.79 1.91
C ILE A 298 -20.90 -0.97 2.57
N HIS A 299 -21.60 0.14 2.79
CA HIS A 299 -22.91 0.08 3.45
C HIS A 299 -23.90 -0.79 2.67
N PRO A 300 -24.85 -1.43 3.38
CA PRO A 300 -25.85 -2.29 2.74
C PRO A 300 -26.57 -1.58 1.60
N VAL A 301 -26.89 -2.33 0.54
CA VAL A 301 -27.50 -1.74 -0.65
C VAL A 301 -28.86 -1.13 -0.33
N THR A 302 -29.13 0.05 -0.89
CA THR A 302 -30.41 0.72 -0.68
C THR A 302 -31.46 0.18 -1.65
N SER A 303 -32.73 0.28 -1.29
CA SER A 303 -33.81 -0.23 -2.11
C SER A 303 -34.25 0.78 -3.16
N ASN B 3 -12.29 -9.19 17.13
CA ASN B 3 -12.79 -8.27 16.10
C ASN B 3 -11.68 -7.43 15.49
N PHE B 4 -10.63 -8.09 15.01
CA PHE B 4 -9.47 -7.38 14.47
C PHE B 4 -9.73 -6.79 13.08
N ILE B 5 -9.28 -5.55 12.91
CA ILE B 5 -9.51 -4.79 11.68
C ILE B 5 -8.16 -4.41 11.07
N ILE B 6 -7.96 -4.71 9.80
CA ILE B 6 -6.77 -4.23 9.09
C ILE B 6 -6.78 -2.71 9.08
N PRO B 7 -5.79 -2.10 9.76
CA PRO B 7 -5.75 -0.64 9.91
C PRO B 7 -5.76 0.09 8.57
N LYS B 8 -6.47 1.22 8.53
CA LYS B 8 -6.70 1.98 7.32
C LYS B 8 -6.49 3.46 7.60
N LYS B 9 -6.15 4.23 6.57
CA LYS B 9 -6.01 5.67 6.74
C LYS B 9 -7.36 6.34 6.96
N GLU B 10 -7.37 7.37 7.80
CA GLU B 10 -8.60 8.06 8.15
C GLU B 10 -8.41 9.58 8.06
N ILE B 11 -7.16 10.01 8.04
CA ILE B 11 -6.82 11.43 7.98
CA ILE B 11 -6.84 11.43 7.98
C ILE B 11 -6.45 11.82 6.55
N HIS B 12 -7.44 12.29 5.79
CA HIS B 12 -7.23 12.58 4.37
C HIS B 12 -7.12 14.08 4.06
N THR B 13 -7.78 14.90 4.86
CA THR B 13 -7.74 16.34 4.68
C THR B 13 -7.43 17.01 6.01
N VAL B 14 -7.02 18.28 5.96
CA VAL B 14 -6.76 19.04 7.18
C VAL B 14 -7.92 19.04 8.20
N PRO B 15 -9.18 19.22 7.72
CA PRO B 15 -10.30 19.08 8.66
C PRO B 15 -10.37 17.74 9.40
N ASP B 16 -9.78 16.69 8.83
CA ASP B 16 -9.79 15.38 9.48
C ASP B 16 -8.93 15.33 10.74
N MET B 17 -8.06 16.33 10.91
CA MET B 17 -7.18 16.39 12.06
C MET B 17 -7.97 16.47 13.36
N GLY B 18 -9.15 17.06 13.29
CA GLY B 18 -10.03 17.15 14.44
C GLY B 18 -10.41 15.80 15.00
N LYS B 19 -10.84 14.87 14.14
CA LYS B 19 -11.26 13.56 14.62
C LYS B 19 -10.07 12.75 15.13
N TRP B 20 -8.89 12.98 14.54
CA TRP B 20 -7.66 12.35 15.01
C TRP B 20 -7.36 12.76 16.43
N LYS B 21 -7.39 14.06 16.69
CA LYS B 21 -7.08 14.59 18.02
C LYS B 21 -8.06 14.12 19.09
N ARG B 22 -9.29 13.82 18.68
CA ARG B 22 -10.30 13.36 19.62
C ARG B 22 -10.39 11.84 19.69
N SER B 23 -9.54 11.15 18.94
CA SER B 23 -9.67 9.71 18.77
C SER B 23 -9.12 8.92 19.94
N GLN B 24 -9.61 7.69 20.09
CA GLN B 24 -9.08 6.74 21.05
C GLN B 24 -7.61 6.45 20.72
N ALA B 25 -7.31 6.38 19.43
CA ALA B 25 -5.95 6.08 18.97
C ALA B 25 -4.95 7.11 19.45
N TYR B 26 -5.30 8.39 19.34
CA TYR B 26 -4.41 9.45 19.78
C TYR B 26 -4.14 9.33 21.27
N ALA B 27 -5.21 9.19 22.05
CA ALA B 27 -5.10 9.09 23.51
C ALA B 27 -4.24 7.89 23.91
N ASP B 28 -4.47 6.75 23.27
CA ASP B 28 -3.71 5.54 23.56
C ASP B 28 -2.25 5.71 23.15
N TYR B 29 -2.04 6.32 21.99
CA TYR B 29 -0.69 6.49 21.46
C TYR B 29 0.16 7.38 22.34
N ILE B 30 -0.32 8.60 22.62
CA ILE B 30 0.47 9.52 23.42
C ILE B 30 0.62 9.01 24.86
N GLY B 31 -0.39 8.28 25.34
CA GLY B 31 -0.31 7.67 26.65
C GLY B 31 0.78 6.62 26.73
N PHE B 32 0.92 5.84 25.66
CA PHE B 32 1.94 4.81 25.56
C PHE B 32 3.34 5.43 25.55
N ILE B 33 3.51 6.46 24.72
CA ILE B 33 4.77 7.19 24.64
C ILE B 33 5.19 7.74 26.00
N LEU B 34 4.23 8.31 26.71
CA LEU B 34 4.52 8.93 28.00
C LEU B 34 4.78 7.89 29.10
N THR B 35 4.10 6.76 29.01
CA THR B 35 4.35 5.66 29.94
C THR B 35 5.76 5.12 29.80
N LEU B 36 6.19 4.89 28.56
CA LEU B 36 7.56 4.45 28.30
C LEU B 36 8.57 5.50 28.76
N ASN B 37 8.22 6.76 28.54
CA ASN B 37 9.07 7.88 28.95
C ASN B 37 9.33 7.87 30.46
N GLU B 38 8.28 7.64 31.24
CA GLU B 38 8.42 7.57 32.69
C GLU B 38 9.24 6.35 33.11
N GLY B 39 9.06 5.25 32.40
CA GLY B 39 9.74 4.01 32.73
C GLY B 39 11.24 4.01 32.59
N VAL B 40 11.76 4.76 31.63
CA VAL B 40 13.21 4.77 31.37
C VAL B 40 13.91 5.94 32.07
N LYS B 41 13.15 6.71 32.84
CA LYS B 41 13.68 7.91 33.49
C LYS B 41 14.86 7.59 34.40
N GLY B 42 15.99 8.26 34.15
CA GLY B 42 17.16 8.13 34.98
C GLY B 42 17.98 6.85 34.80
N LYS B 43 17.66 6.07 33.77
CA LYS B 43 18.30 4.77 33.60
C LYS B 43 19.15 4.67 32.33
N LYS B 44 20.28 3.98 32.42
CA LYS B 44 21.15 3.75 31.27
C LYS B 44 20.67 2.59 30.43
N LEU B 45 21.15 2.51 29.20
CA LEU B 45 20.84 1.39 28.31
C LEU B 45 21.33 0.06 28.90
N THR B 46 22.32 0.12 29.77
CA THR B 46 22.89 -1.06 30.40
C THR B 46 22.24 -1.39 31.74
N PHE B 47 21.10 -0.74 32.02
CA PHE B 47 20.31 -1.07 33.21
C PHE B 47 19.90 -2.53 33.16
N GLU B 48 19.84 -3.18 34.31
CA GLU B 48 19.45 -4.58 34.39
C GLU B 48 17.94 -4.76 34.30
N TYR B 49 17.41 -4.75 33.08
CA TYR B 49 15.96 -4.92 32.89
C TYR B 49 15.61 -6.35 32.47
N ARG B 50 14.35 -6.69 32.67
CA ARG B 50 13.83 -8.01 32.30
C ARG B 50 13.80 -8.14 30.78
N VAL B 51 14.23 -9.29 30.27
CA VAL B 51 14.13 -9.59 28.84
C VAL B 51 13.31 -10.86 28.61
N SER B 52 12.08 -10.67 28.15
CA SER B 52 11.16 -11.78 27.95
C SER B 52 11.39 -12.47 26.61
N GLU B 53 10.71 -13.58 26.40
CA GLU B 53 10.79 -14.31 25.14
C GLU B 53 10.27 -13.46 23.98
N ALA B 54 9.20 -12.72 24.24
CA ALA B 54 8.63 -11.84 23.22
C ALA B 54 9.64 -10.78 22.77
N ILE B 55 10.38 -10.24 23.73
CA ILE B 55 11.40 -9.23 23.45
C ILE B 55 12.52 -9.82 22.59
N GLU B 56 12.96 -11.03 22.93
CA GLU B 56 14.00 -11.70 22.17
C GLU B 56 13.53 -11.97 20.74
N LYS B 57 12.25 -12.33 20.59
CA LYS B 57 11.69 -12.60 19.27
C LYS B 57 11.62 -11.31 18.44
N LEU B 58 11.34 -10.20 19.10
CA LEU B 58 11.30 -8.90 18.42
C LEU B 58 12.69 -8.45 17.95
N VAL B 59 13.70 -8.72 18.75
CA VAL B 59 15.07 -8.42 18.34
C VAL B 59 15.48 -9.30 17.15
N ALA B 60 15.11 -10.58 17.22
CA ALA B 60 15.39 -11.50 16.13
C ALA B 60 14.66 -11.05 14.86
N LEU B 61 13.47 -10.49 15.01
CA LEU B 61 12.72 -9.93 13.88
C LEU B 61 13.54 -8.81 13.24
N LEU B 62 14.00 -7.87 14.05
CA LEU B 62 14.79 -6.75 13.57
C LEU B 62 16.10 -7.21 12.94
N ASN B 63 16.69 -8.26 13.48
CA ASN B 63 17.92 -8.80 12.93
C ASN B 63 17.69 -9.43 11.56
N THR B 64 16.48 -9.92 11.35
CA THR B 64 16.10 -10.46 10.05
C THR B 64 16.02 -9.35 9.01
N LEU B 65 15.39 -8.23 9.38
CA LEU B 65 15.33 -7.06 8.51
C LEU B 65 16.74 -6.57 8.20
N ASP B 66 17.61 -6.60 9.19
CA ASP B 66 19.00 -6.20 9.05
C ASP B 66 19.72 -7.10 8.04
N ARG B 67 19.52 -8.41 8.17
CA ARG B 67 20.13 -9.38 7.26
C ARG B 67 19.70 -9.14 5.82
N TRP B 68 18.42 -8.81 5.64
CA TRP B 68 17.89 -8.52 4.30
C TRP B 68 18.55 -7.31 3.66
N ILE B 69 19.00 -6.36 4.47
CA ILE B 69 19.70 -5.20 3.93
C ILE B 69 21.03 -5.65 3.34
N ASP B 70 21.75 -6.48 4.09
CA ASP B 70 23.03 -7.03 3.63
C ASP B 70 22.85 -7.83 2.35
N GLU B 71 21.73 -8.53 2.22
CA GLU B 71 21.45 -9.36 1.05
C GLU B 71 20.93 -8.54 -0.12
N THR B 72 20.67 -7.26 0.11
CA THR B 72 20.09 -6.39 -0.89
C THR B 72 20.94 -5.12 -1.03
N PRO B 73 22.09 -5.24 -1.70
CA PRO B 73 22.99 -4.10 -1.80
C PRO B 73 22.40 -2.99 -2.67
N PRO B 74 22.81 -1.74 -2.44
CA PRO B 74 22.34 -0.65 -3.29
C PRO B 74 22.75 -0.90 -4.74
N VAL B 75 22.00 -0.36 -5.68
CA VAL B 75 22.30 -0.52 -7.08
C VAL B 75 22.92 0.74 -7.66
N ASP B 76 23.64 0.58 -8.76
CA ASP B 76 24.23 1.71 -9.47
C ASP B 76 23.13 2.41 -10.25
N GLN B 77 22.96 3.70 -9.99
CA GLN B 77 21.85 4.44 -10.58
C GLN B 77 22.21 5.91 -10.81
N PRO B 78 21.58 6.55 -11.80
CA PRO B 78 21.81 7.96 -12.08
C PRO B 78 21.35 8.86 -10.93
N SER B 79 20.14 8.61 -10.41
CA SER B 79 19.56 9.42 -9.35
C SER B 79 20.48 9.55 -8.14
N ARG B 80 20.60 10.77 -7.64
CA ARG B 80 21.46 11.04 -6.50
C ARG B 80 20.65 11.15 -5.21
N PHE B 81 19.42 10.67 -5.27
CA PHE B 81 18.57 10.58 -4.09
C PHE B 81 18.41 9.13 -3.69
N GLY B 82 17.22 8.76 -3.24
CA GLY B 82 16.95 7.42 -2.75
C GLY B 82 17.33 6.31 -3.70
N ASN B 83 18.00 5.29 -3.18
CA ASN B 83 18.46 4.17 -3.99
C ASN B 83 17.34 3.16 -4.25
N LYS B 84 17.17 2.76 -5.50
CA LYS B 84 16.04 1.92 -5.90
C LYS B 84 16.05 0.53 -5.28
N ALA B 85 17.22 0.09 -4.81
CA ALA B 85 17.31 -1.19 -4.12
C ALA B 85 16.47 -1.22 -2.85
N TYR B 86 16.11 -0.04 -2.33
CA TYR B 86 15.21 0.02 -1.19
C TYR B 86 13.87 -0.66 -1.51
N ARG B 87 13.41 -0.51 -2.75
CA ARG B 87 12.10 -1.07 -3.11
C ARG B 87 12.15 -2.59 -3.08
N THR B 88 13.33 -3.15 -3.37
CA THR B 88 13.54 -4.58 -3.32
C THR B 88 13.50 -5.05 -1.87
N TRP B 89 14.19 -4.31 -1.01
CA TRP B 89 14.19 -4.63 0.41
C TRP B 89 12.79 -4.53 0.98
N TYR B 90 12.11 -3.43 0.67
CA TYR B 90 10.78 -3.21 1.22
C TYR B 90 9.78 -4.29 0.79
N ALA B 91 9.88 -4.72 -0.46
CA ALA B 91 9.01 -5.76 -0.98
C ALA B 91 9.17 -7.04 -0.17
N LYS B 92 10.41 -7.30 0.27
CA LYS B 92 10.68 -8.45 1.10
C LYS B 92 9.98 -8.32 2.45
N LEU B 93 10.10 -7.14 3.06
CA LEU B 93 9.45 -6.90 4.35
C LEU B 93 7.93 -6.98 4.20
N ASP B 94 7.41 -6.35 3.15
CA ASP B 94 5.97 -6.31 2.90
C ASP B 94 5.42 -7.73 2.79
N GLU B 95 6.10 -8.57 2.03
CA GLU B 95 5.67 -9.94 1.82
C GLU B 95 5.76 -10.77 3.11
N GLU B 96 6.79 -10.51 3.91
CA GLU B 96 7.09 -11.36 5.06
C GLU B 96 6.60 -10.83 6.40
N ALA B 97 6.02 -9.64 6.41
CA ALA B 97 5.63 -8.97 7.66
C ALA B 97 4.74 -9.81 8.58
N GLU B 98 3.72 -10.47 8.02
CA GLU B 98 2.84 -11.29 8.84
C GLU B 98 3.55 -12.52 9.38
N ASN B 99 4.38 -13.15 8.55
CA ASN B 99 5.21 -14.26 9.02
C ASN B 99 6.13 -13.84 10.17
N LEU B 100 6.72 -12.66 10.05
CA LEU B 100 7.61 -12.15 11.08
C LEU B 100 6.88 -11.88 12.39
N VAL B 101 5.72 -11.23 12.30
CA VAL B 101 4.95 -10.92 13.50
C VAL B 101 4.43 -12.20 14.14
N ALA B 102 4.18 -13.21 13.32
CA ALA B 102 3.72 -14.50 13.81
C ALA B 102 4.80 -15.27 14.58
N THR B 103 6.04 -14.80 14.53
CA THR B 103 7.11 -15.38 15.32
C THR B 103 7.11 -14.78 16.72
N VAL B 104 6.44 -13.64 16.86
CA VAL B 104 6.37 -12.94 18.14
C VAL B 104 5.06 -13.24 18.84
N VAL B 105 3.97 -13.25 18.07
CA VAL B 105 2.64 -13.48 18.62
C VAL B 105 2.35 -14.98 18.67
N PRO B 106 1.97 -15.48 19.85
CA PRO B 106 1.66 -16.91 20.03
C PRO B 106 0.61 -17.37 19.03
N THR B 107 0.68 -18.65 18.65
CA THR B 107 -0.16 -19.20 17.59
C THR B 107 -1.65 -18.95 17.81
N HIS B 108 -2.11 -19.17 19.04
CA HIS B 108 -3.53 -19.09 19.34
C HIS B 108 -4.05 -17.65 19.37
N LEU B 109 -3.14 -16.67 19.38
CA LEU B 109 -3.52 -15.27 19.38
C LEU B 109 -3.31 -14.63 18.01
N ALA B 110 -3.00 -15.47 17.02
CA ALA B 110 -2.57 -14.97 15.71
C ALA B 110 -3.67 -14.33 14.87
N ALA B 111 -4.91 -14.32 15.38
CA ALA B 111 -5.97 -13.60 14.69
C ALA B 111 -5.62 -12.11 14.62
N ALA B 112 -4.78 -11.67 15.55
CA ALA B 112 -4.34 -10.28 15.62
C ALA B 112 -3.20 -9.97 14.66
N VAL B 113 -2.55 -11.02 14.13
CA VAL B 113 -1.33 -10.84 13.34
C VAL B 113 -1.46 -9.89 12.13
N PRO B 114 -2.50 -10.08 11.29
CA PRO B 114 -2.61 -9.15 10.16
C PRO B 114 -2.76 -7.67 10.57
N GLU B 115 -3.57 -7.38 11.59
CA GLU B 115 -3.71 -5.99 12.05
C GLU B 115 -2.40 -5.42 12.57
N VAL B 116 -1.75 -6.15 13.46
CA VAL B 116 -0.48 -5.72 14.04
C VAL B 116 0.61 -5.55 12.97
N ALA B 117 0.64 -6.47 12.00
CA ALA B 117 1.67 -6.45 10.95
C ALA B 117 1.63 -5.19 10.10
N VAL B 118 0.45 -4.60 9.93
CA VAL B 118 0.31 -3.39 9.13
C VAL B 118 1.20 -2.27 9.70
N TYR B 119 1.24 -2.16 11.02
CA TYR B 119 2.08 -1.15 11.65
C TYR B 119 3.57 -1.39 11.39
N LEU B 120 3.98 -2.66 11.39
CA LEU B 120 5.35 -2.99 11.01
C LEU B 120 5.62 -2.58 9.56
N LYS B 121 4.67 -2.84 8.67
CA LYS B 121 4.81 -2.46 7.27
C LYS B 121 4.87 -0.95 7.07
N GLU B 122 4.39 -0.20 8.06
CA GLU B 122 4.36 1.26 7.95
C GLU B 122 5.50 1.91 8.74
N SER B 123 6.40 1.10 9.27
CA SER B 123 7.40 1.62 10.19
CA SER B 123 7.41 1.57 10.21
C SER B 123 8.80 1.74 9.61
N VAL B 124 8.97 1.46 8.32
CA VAL B 124 10.31 1.41 7.75
C VAL B 124 10.56 2.33 6.57
N GLY B 125 9.64 3.22 6.30
CA GLY B 125 9.81 4.17 5.21
C GLY B 125 8.80 3.97 4.10
N ASN B 126 8.87 4.82 3.07
CA ASN B 126 7.94 4.76 1.97
C ASN B 126 8.62 4.26 0.70
N SER B 127 8.10 3.18 0.13
CA SER B 127 8.70 2.58 -1.07
C SER B 127 8.71 3.52 -2.28
N THR B 128 7.59 4.17 -2.55
CA THR B 128 7.48 5.01 -3.73
C THR B 128 8.45 6.20 -3.70
N ARG B 129 8.52 6.88 -2.56
CA ARG B 129 9.34 8.08 -2.44
C ARG B 129 10.75 7.78 -1.96
N ILE B 130 10.97 6.55 -1.51
CA ILE B 130 12.21 6.16 -0.83
C ILE B 130 12.58 7.21 0.21
N ASP B 131 11.65 7.46 1.12
CA ASP B 131 11.89 8.39 2.22
C ASP B 131 11.51 7.80 3.58
N TYR B 132 11.91 8.48 4.63
CA TYR B 132 11.60 8.06 5.98
C TYR B 132 11.37 9.30 6.83
N GLY B 133 10.35 9.28 7.66
CA GLY B 133 10.06 10.39 8.54
C GLY B 133 9.58 9.94 9.90
N THR B 134 9.25 10.92 10.75
CA THR B 134 8.81 10.63 12.11
C THR B 134 7.47 9.90 12.12
N GLY B 135 6.77 9.93 10.99
CA GLY B 135 5.53 9.19 10.85
C GLY B 135 5.77 7.69 10.81
N HIS B 136 6.89 7.30 10.22
CA HIS B 136 7.27 5.89 10.17
C HIS B 136 7.73 5.44 11.54
N GLU B 137 8.51 6.28 12.20
CA GLU B 137 8.91 6.00 13.56
C GLU B 137 7.68 5.83 14.46
N ALA B 138 6.67 6.65 14.23
CA ALA B 138 5.46 6.61 15.04
C ALA B 138 4.76 5.26 14.85
N ALA B 139 4.74 4.79 13.61
CA ALA B 139 4.15 3.49 13.28
C ALA B 139 4.82 2.35 14.03
N PHE B 140 6.13 2.46 14.27
CA PHE B 140 6.81 1.41 15.02
C PHE B 140 6.38 1.43 16.49
N ALA B 141 6.24 2.63 17.06
CA ALA B 141 5.74 2.77 18.41
C ALA B 141 4.32 2.21 18.49
N ALA B 142 3.53 2.46 17.45
CA ALA B 142 2.18 1.92 17.37
C ALA B 142 2.19 0.39 17.34
N PHE B 143 3.13 -0.17 16.59
CA PHE B 143 3.33 -1.61 16.48
C PHE B 143 3.56 -2.20 17.86
N LEU B 144 4.46 -1.59 18.62
CA LEU B 144 4.77 -2.05 19.98
C LEU B 144 3.58 -1.87 20.90
N CYS B 145 2.89 -0.75 20.76
CA CYS B 145 1.67 -0.48 21.53
C CYS B 145 0.63 -1.57 21.33
N CYS B 146 0.44 -1.99 20.08
CA CYS B 146 -0.50 -3.06 19.76
C CYS B 146 -0.12 -4.38 20.43
N LEU B 147 1.17 -4.66 20.46
CA LEU B 147 1.67 -5.90 21.08
C LEU B 147 1.40 -5.91 22.58
N CYS B 148 1.42 -4.74 23.19
CA CYS B 148 1.06 -4.61 24.60
C CYS B 148 -0.43 -4.82 24.79
N LYS B 149 -1.21 -4.25 23.87
CA LYS B 149 -2.68 -4.32 23.95
C LYS B 149 -3.22 -5.73 23.89
N ILE B 150 -2.60 -6.59 23.08
CA ILE B 150 -3.07 -7.97 22.97
C ILE B 150 -2.35 -8.90 23.96
N GLY B 151 -1.64 -8.31 24.91
CA GLY B 151 -1.05 -9.05 26.00
C GLY B 151 0.24 -9.79 25.70
N VAL B 152 0.80 -9.57 24.52
CA VAL B 152 2.06 -10.20 24.15
C VAL B 152 3.23 -9.57 24.91
N LEU B 153 3.21 -8.24 25.02
CA LEU B 153 4.16 -7.53 25.87
C LEU B 153 3.46 -7.07 27.15
N ARG B 154 4.15 -7.23 28.28
CA ARG B 154 3.57 -6.90 29.59
C ARG B 154 4.26 -5.69 30.20
N VAL B 155 3.71 -5.19 31.31
CA VAL B 155 4.28 -4.04 32.01
C VAL B 155 5.76 -4.27 32.33
N ASP B 156 6.10 -5.50 32.69
CA ASP B 156 7.48 -5.88 32.97
C ASP B 156 8.42 -5.66 31.80
N ASP B 157 7.88 -5.62 30.58
CA ASP B 157 8.69 -5.51 29.38
C ASP B 157 8.94 -4.06 28.93
N GLN B 158 8.33 -3.09 29.60
CA GLN B 158 8.33 -1.73 29.08
CA GLN B 158 8.32 -1.72 29.11
C GLN B 158 9.71 -1.06 28.98
N ILE B 159 10.61 -1.37 29.89
CA ILE B 159 11.96 -0.82 29.77
C ILE B 159 12.67 -1.47 28.57
N ALA B 160 12.51 -2.78 28.43
CA ALA B 160 13.09 -3.52 27.30
C ALA B 160 12.54 -3.05 25.96
N ILE B 161 11.29 -2.61 25.96
CA ILE B 161 10.66 -2.11 24.74
C ILE B 161 11.49 -0.95 24.17
N VAL B 162 11.94 -0.06 25.04
CA VAL B 162 12.75 1.08 24.61
C VAL B 162 14.23 0.73 24.47
N PHE B 163 14.83 0.17 25.53
CA PHE B 163 16.27 -0.05 25.59
C PHE B 163 16.79 -1.17 24.71
N LYS B 164 15.93 -2.15 24.41
CA LYS B 164 16.38 -3.27 23.58
C LYS B 164 15.72 -3.27 22.20
N VAL B 165 14.40 -3.27 22.15
CA VAL B 165 13.70 -3.35 20.88
C VAL B 165 13.78 -2.05 20.08
N PHE B 166 13.32 -0.94 20.65
CA PHE B 166 13.37 0.32 19.91
C PHE B 166 14.81 0.73 19.62
N ASN B 167 15.71 0.44 20.55
CA ASN B 167 17.12 0.75 20.37
C ASN B 167 17.69 0.01 19.17
N ARG B 168 17.32 -1.25 19.02
CA ARG B 168 17.77 -2.04 17.88
C ARG B 168 17.13 -1.54 16.60
N TYR B 169 15.86 -1.14 16.71
CA TYR B 169 15.11 -0.60 15.57
C TYR B 169 15.82 0.61 14.99
N LEU B 170 16.30 1.49 15.86
CA LEU B 170 17.01 2.68 15.42
C LEU B 170 18.28 2.33 14.66
N GLU B 171 18.98 1.29 15.11
CA GLU B 171 20.19 0.84 14.45
C GLU B 171 19.89 0.37 13.03
N VAL B 172 18.81 -0.39 12.88
CA VAL B 172 18.41 -0.87 11.56
C VAL B 172 17.95 0.28 10.67
N MET B 173 17.19 1.22 11.22
CA MET B 173 16.72 2.37 10.46
C MET B 173 17.89 3.23 9.97
N ARG B 174 18.89 3.44 10.84
CA ARG B 174 20.08 4.20 10.45
C ARG B 174 20.80 3.51 9.29
N LYS B 175 20.82 2.18 9.34
CA LYS B 175 21.44 1.39 8.29
C LYS B 175 20.67 1.52 6.98
N LEU B 176 19.35 1.47 7.05
CA LEU B 176 18.52 1.69 5.86
C LEU B 176 18.78 3.08 5.28
N GLN B 177 18.72 4.08 6.15
CA GLN B 177 18.87 5.47 5.75
C GLN B 177 20.19 5.71 5.03
N LYS B 178 21.26 5.17 5.59
CA LYS B 178 22.58 5.32 5.00
C LYS B 178 22.74 4.48 3.73
N THR B 179 22.40 3.20 3.83
CA THR B 179 22.63 2.27 2.73
C THR B 179 21.84 2.63 1.48
N TYR B 180 20.57 2.98 1.65
CA TYR B 180 19.73 3.28 0.51
C TYR B 180 19.57 4.78 0.26
N ARG B 181 20.39 5.57 0.95
CA ARG B 181 20.42 7.02 0.76
C ARG B 181 19.02 7.62 0.86
N MET B 182 18.29 7.23 1.89
CA MET B 182 16.90 7.62 2.00
C MET B 182 16.76 9.11 2.26
N GLU B 183 15.74 9.70 1.65
CA GLU B 183 15.47 11.12 1.78
C GLU B 183 14.64 11.36 3.03
N PRO B 184 14.92 12.44 3.75
CA PRO B 184 14.01 12.80 4.86
C PRO B 184 12.63 13.11 4.32
N ALA B 185 11.61 12.53 4.93
CA ALA B 185 10.24 12.72 4.46
C ALA B 185 9.78 14.17 4.65
N GLY B 186 10.19 14.78 5.75
CA GLY B 186 9.82 16.16 6.05
C GLY B 186 10.82 17.16 5.53
N VAL B 190 14.51 24.48 9.39
CA VAL B 190 15.58 24.98 10.25
C VAL B 190 15.21 24.90 11.73
N TRP B 191 13.94 24.59 12.00
CA TRP B 191 13.50 24.32 13.36
C TRP B 191 13.17 22.85 13.53
N GLY B 192 13.46 22.07 12.49
CA GLY B 192 13.27 20.63 12.55
C GLY B 192 14.28 20.02 13.50
N LEU B 193 13.82 19.09 14.33
CA LEU B 193 14.67 18.49 15.35
C LEU B 193 15.76 17.63 14.71
N ASP B 194 15.35 16.68 13.89
CA ASP B 194 16.25 15.69 13.31
C ASP B 194 15.71 15.32 11.94
N ASP B 195 16.60 14.88 11.05
CA ASP B 195 16.18 14.49 9.69
C ASP B 195 15.17 13.35 9.68
N PHE B 196 15.29 12.43 10.63
CA PHE B 196 14.52 11.19 10.57
C PHE B 196 13.72 10.86 11.83
N GLN B 197 14.30 11.11 13.00
CA GLN B 197 13.73 10.59 14.25
C GLN B 197 13.25 11.68 15.21
N PHE B 198 12.46 11.27 16.20
CA PHE B 198 12.03 12.18 17.25
C PHE B 198 12.00 11.48 18.60
N LEU B 199 11.30 10.35 18.67
CA LEU B 199 11.15 9.61 19.93
C LEU B 199 12.44 9.34 20.74
N PRO B 200 13.55 8.97 20.07
CA PRO B 200 14.75 8.71 20.88
C PRO B 200 15.24 9.94 21.63
N PHE B 201 14.89 11.13 21.16
CA PHE B 201 15.28 12.36 21.86
C PHE B 201 14.43 12.57 23.10
N ILE B 202 13.16 12.14 23.04
CA ILE B 202 12.26 12.23 24.18
C ILE B 202 12.68 11.23 25.25
N TRP B 203 12.70 9.95 24.87
CA TRP B 203 13.08 8.89 25.79
C TRP B 203 14.53 9.04 26.24
N GLY B 204 15.38 9.50 25.32
CA GLY B 204 16.78 9.70 25.64
C GLY B 204 17.01 10.81 26.64
N SER B 205 16.23 11.89 26.53
CA SER B 205 16.38 12.99 27.48
C SER B 205 15.86 12.57 28.85
N SER B 206 14.86 11.68 28.86
CA SER B 206 14.33 11.15 30.12
C SER B 206 15.37 10.30 30.85
N GLN B 207 16.15 9.52 30.10
CA GLN B 207 17.25 8.73 30.66
C GLN B 207 18.19 9.60 31.48
N LEU B 208 18.46 10.80 30.98
CA LEU B 208 19.51 11.65 31.52
C LEU B 208 19.05 12.58 32.64
N ILE B 209 17.76 12.55 32.95
CA ILE B 209 17.25 13.36 34.05
C ILE B 209 17.94 12.99 35.36
N ASP B 210 18.41 14.01 36.07
CA ASP B 210 19.14 13.85 37.34
C ASP B 210 20.50 13.17 37.20
N HIS B 211 21.07 13.18 36.00
CA HIS B 211 22.40 12.62 35.83
C HIS B 211 23.38 13.39 36.70
N PRO B 212 24.31 12.68 37.34
CA PRO B 212 25.25 13.33 38.28
C PRO B 212 26.12 14.43 37.68
N TYR B 213 26.36 14.43 36.36
CA TYR B 213 27.19 15.48 35.78
C TYR B 213 26.86 15.89 34.34
N LEU B 214 26.25 14.99 33.58
CA LEU B 214 25.90 15.29 32.19
C LEU B 214 24.75 16.27 32.12
N GLU B 215 24.97 17.35 31.38
CA GLU B 215 23.99 18.42 31.22
C GLU B 215 23.73 18.60 29.72
N PRO B 216 22.61 19.24 29.36
CA PRO B 216 22.31 19.48 27.94
C PRO B 216 23.44 20.17 27.16
N ARG B 217 24.20 21.04 27.82
CA ARG B 217 25.30 21.72 27.15
C ARG B 217 26.37 20.75 26.67
N HIS B 218 26.39 19.55 27.25
CA HIS B 218 27.43 18.57 26.94
C HIS B 218 27.18 17.75 25.65
N PHE B 219 25.94 17.72 25.14
CA PHE B 219 25.69 16.89 23.97
C PHE B 219 26.25 17.46 22.65
N VAL B 220 26.70 18.71 22.69
CA VAL B 220 27.41 19.29 21.56
C VAL B 220 28.92 19.25 21.78
N ASP B 221 29.34 18.55 22.83
CA ASP B 221 30.76 18.29 23.09
C ASP B 221 31.08 16.91 22.57
N GLU B 222 32.01 16.84 21.61
CA GLU B 222 32.33 15.58 20.94
C GLU B 222 32.87 14.54 21.92
N LYS B 223 33.63 15.00 22.91
CA LYS B 223 34.18 14.07 23.90
C LYS B 223 33.10 13.42 24.76
N ALA B 224 32.19 14.22 25.28
CA ALA B 224 31.11 13.71 26.13
C ALA B 224 30.28 12.68 25.38
N VAL B 225 29.98 12.97 24.11
CA VAL B 225 29.21 12.06 23.29
C VAL B 225 29.99 10.76 23.05
N ASN B 226 31.24 10.88 22.66
CA ASN B 226 32.09 9.72 22.40
C ASN B 226 32.23 8.79 23.61
N GLU B 227 32.33 9.38 24.80
CA GLU B 227 32.56 8.61 26.01
C GLU B 227 31.28 8.06 26.64
N ASN B 228 30.13 8.54 26.21
CA ASN B 228 28.88 8.18 26.88
C ASN B 228 27.76 7.65 25.98
N HIS B 229 27.98 7.64 24.67
CA HIS B 229 26.91 7.28 23.73
C HIS B 229 26.35 5.88 23.93
N LYS B 230 27.16 4.95 24.42
CA LYS B 230 26.72 3.57 24.57
C LYS B 230 25.67 3.40 25.68
N ASP B 231 25.55 4.39 26.55
CA ASP B 231 24.62 4.30 27.67
C ASP B 231 23.37 5.13 27.43
N TYR B 232 23.43 6.05 26.47
CA TYR B 232 22.38 7.05 26.32
C TYR B 232 21.90 7.23 24.89
N MET B 233 20.63 6.93 24.67
CA MET B 233 19.99 7.00 23.37
CA MET B 233 20.02 7.00 23.35
C MET B 233 20.08 8.39 22.74
N PHE B 234 19.95 9.42 23.56
CA PHE B 234 20.01 10.80 23.07
C PHE B 234 21.39 11.06 22.45
N LEU B 235 22.44 10.62 23.13
CA LEU B 235 23.80 10.86 22.67
C LEU B 235 24.14 10.03 21.43
N GLU B 236 23.54 8.84 21.33
CA GLU B 236 23.73 8.00 20.15
C GLU B 236 23.15 8.69 18.91
N CYS B 237 22.03 9.37 19.07
CA CYS B 237 21.41 10.11 17.97
C CYS B 237 22.31 11.25 17.51
N ILE B 238 22.90 11.95 18.47
CA ILE B 238 23.82 13.04 18.16
C ILE B 238 25.03 12.52 17.39
N LEU B 239 25.55 11.37 17.83
CA LEU B 239 26.69 10.75 17.17
C LEU B 239 26.37 10.42 15.71
N PHE B 240 25.14 9.96 15.46
CA PHE B 240 24.72 9.62 14.11
C PHE B 240 24.68 10.86 13.22
N ILE B 241 24.18 11.96 13.78
CA ILE B 241 24.11 13.23 13.07
C ILE B 241 25.51 13.70 12.66
N THR B 242 26.46 13.56 13.57
CA THR B 242 27.81 14.06 13.34
C THR B 242 28.61 13.15 12.40
N GLU B 243 28.00 12.05 11.98
CA GLU B 243 28.58 11.18 10.96
C GLU B 243 27.91 11.46 9.61
N MET B 244 26.62 11.79 9.65
CA MET B 244 25.85 12.04 8.45
C MET B 244 26.07 13.46 7.91
N LYS B 245 26.50 14.36 8.79
CA LYS B 245 26.56 15.77 8.42
C LYS B 245 27.94 16.39 8.66
N THR B 246 28.23 17.45 7.91
CA THR B 246 29.53 18.10 7.96
C THR B 246 29.41 19.57 8.36
N GLY B 247 30.48 20.11 8.92
CA GLY B 247 30.51 21.51 9.30
C GLY B 247 30.06 21.76 10.73
N PRO B 248 29.91 23.04 11.10
CA PRO B 248 29.48 23.46 12.44
C PRO B 248 28.11 22.88 12.81
N PHE B 249 27.98 22.43 14.05
CA PHE B 249 26.74 21.87 14.54
C PHE B 249 25.60 22.88 14.45
N ALA B 250 25.91 24.14 14.72
CA ALA B 250 24.91 25.21 14.69
C ALA B 250 24.31 25.37 13.30
N GLU B 251 25.06 24.99 12.28
CA GLU B 251 24.60 25.18 10.91
C GLU B 251 23.77 24.02 10.38
N HIS B 252 24.15 22.79 10.72
CA HIS B 252 23.42 21.63 10.20
C HIS B 252 22.30 21.12 11.11
N SER B 253 22.38 21.45 12.40
CA SER B 253 21.35 21.03 13.34
C SER B 253 21.00 22.16 14.31
N ASN B 254 20.42 23.24 13.77
CA ASN B 254 20.19 24.44 14.55
C ASN B 254 19.23 24.28 15.73
N GLN B 255 18.19 23.47 15.55
CA GLN B 255 17.24 23.23 16.64
C GLN B 255 17.95 22.55 17.80
N LEU B 256 18.70 21.50 17.51
CA LEU B 256 19.45 20.77 18.54
C LEU B 256 20.54 21.64 19.17
N TRP B 257 21.17 22.49 18.36
CA TRP B 257 22.16 23.44 18.86
C TRP B 257 21.57 24.33 19.95
N ASN B 258 20.38 24.87 19.67
CA ASN B 258 19.68 25.70 20.65
C ASN B 258 19.18 24.93 21.86
N ILE B 259 18.82 23.66 21.65
CA ILE B 259 18.36 22.81 22.75
C ILE B 259 19.49 22.52 23.74
N SER B 260 20.74 22.57 23.27
CA SER B 260 21.88 22.35 24.16
C SER B 260 21.99 23.47 25.20
N ALA B 261 21.29 24.57 24.97
CA ALA B 261 21.32 25.71 25.89
C ALA B 261 20.21 25.65 26.94
N VAL B 262 19.34 24.65 26.82
CA VAL B 262 18.28 24.45 27.80
C VAL B 262 18.88 24.01 29.14
N PRO B 263 18.42 24.61 30.26
CA PRO B 263 19.02 24.43 31.59
C PRO B 263 19.12 23.01 32.13
N SER B 264 18.16 22.15 31.84
CA SER B 264 18.19 20.80 32.41
C SER B 264 17.59 19.77 31.46
N TRP B 265 17.92 18.50 31.68
CA TRP B 265 17.34 17.42 30.89
C TRP B 265 15.83 17.32 31.14
N SER B 266 15.41 17.67 32.34
CA SER B 266 13.99 17.70 32.68
CA SER B 266 13.99 17.69 32.68
CA SER B 266 13.99 17.69 32.68
C SER B 266 13.22 18.67 31.79
N LYS B 267 13.81 19.85 31.58
CA LYS B 267 13.17 20.85 30.71
C LYS B 267 13.28 20.46 29.24
N VAL B 268 14.38 19.81 28.87
CA VAL B 268 14.54 19.30 27.51
C VAL B 268 13.43 18.28 27.24
N ASN B 269 13.22 17.37 28.18
CA ASN B 269 12.20 16.34 28.03
C ASN B 269 10.81 16.92 27.93
N GLN B 270 10.49 17.84 28.83
CA GLN B 270 9.19 18.50 28.83
C GLN B 270 8.94 19.24 27.52
N GLY B 271 9.95 19.96 27.04
CA GLY B 271 9.83 20.73 25.81
C GLY B 271 9.73 19.86 24.57
N LEU B 272 10.49 18.78 24.54
CA LEU B 272 10.44 17.86 23.40
C LEU B 272 9.07 17.20 23.27
N ILE B 273 8.42 16.96 24.39
CA ILE B 273 7.08 16.39 24.39
C ILE B 273 6.08 17.37 23.80
N ARG B 274 6.19 18.64 24.20
CA ARG B 274 5.37 19.69 23.64
C ARG B 274 5.62 19.83 22.14
N MET B 275 6.89 19.75 21.76
CA MET B 275 7.28 19.85 20.36
C MET B 275 6.75 18.68 19.55
N TYR B 276 6.81 17.48 20.14
CA TYR B 276 6.34 16.27 19.48
C TYR B 276 4.86 16.37 19.16
N LYS B 277 4.08 16.88 20.12
CA LYS B 277 2.65 17.05 19.90
C LYS B 277 2.37 18.02 18.76
N ALA B 278 3.07 19.14 18.75
CA ALA B 278 2.79 20.20 17.78
C ALA B 278 3.44 19.97 16.41
N GLU B 279 4.64 19.41 16.39
CA GLU B 279 5.41 19.28 15.15
C GLU B 279 5.32 17.91 14.49
N CYS B 280 4.78 16.91 15.19
CA CYS B 280 4.60 15.58 14.62
CA CYS B 280 4.60 15.59 14.62
C CYS B 280 3.14 15.16 14.67
N LEU B 281 2.61 15.04 15.88
CA LEU B 281 1.26 14.50 16.07
C LEU B 281 0.15 15.44 15.60
N GLU B 282 0.42 16.74 15.57
CA GLU B 282 -0.58 17.70 15.10
C GLU B 282 -0.20 18.30 13.75
N LYS B 283 0.77 17.69 13.08
CA LYS B 283 1.20 18.17 11.78
C LYS B 283 0.65 17.26 10.68
N PHE B 284 -0.29 17.77 9.89
CA PHE B 284 -0.93 16.98 8.85
C PHE B 284 0.02 16.18 7.94
N PRO B 285 1.02 16.84 7.31
CA PRO B 285 1.84 16.08 6.38
C PRO B 285 2.72 15.03 7.06
N VAL B 286 2.95 15.21 8.35
CA VAL B 286 3.75 14.25 9.12
C VAL B 286 2.91 13.03 9.52
N ILE B 287 1.68 13.28 9.96
CA ILE B 287 0.87 12.24 10.60
C ILE B 287 -0.26 11.69 9.74
N GLN B 288 -0.46 12.25 8.55
CA GLN B 288 -1.63 11.89 7.72
C GLN B 288 -1.66 10.43 7.26
N HIS B 289 -0.58 9.70 7.47
CA HIS B 289 -0.51 8.32 6.99
C HIS B 289 -0.68 7.32 8.13
N PHE B 290 -1.05 7.83 9.30
CA PHE B 290 -1.33 6.98 10.45
C PHE B 290 -2.54 6.11 10.14
N LYS B 291 -2.45 4.83 10.49
CA LYS B 291 -3.53 3.91 10.18
C LYS B 291 -4.28 3.48 11.42
N PHE B 292 -5.58 3.26 11.26
CA PHE B 292 -6.47 3.02 12.39
C PHE B 292 -7.24 1.72 12.19
N GLY B 293 -7.17 0.84 13.18
CA GLY B 293 -7.90 -0.42 13.13
C GLY B 293 -8.76 -0.60 14.36
N SER B 294 -8.59 -1.73 15.03
CA SER B 294 -9.38 -2.00 16.23
C SER B 294 -8.59 -1.70 17.49
N LEU B 295 -7.28 -1.89 17.42
CA LEU B 295 -6.41 -1.68 18.59
C LEU B 295 -6.11 -0.19 18.79
N LEU B 296 -5.99 0.54 17.69
CA LEU B 296 -5.84 1.99 17.74
C LEU B 296 -6.91 2.59 16.83
N PRO B 297 -8.12 2.74 17.37
CA PRO B 297 -9.28 3.08 16.54
C PRO B 297 -9.49 4.58 16.37
N ILE B 298 -10.17 4.94 15.30
CA ILE B 298 -10.43 6.33 14.97
C ILE B 298 -11.62 6.89 15.76
N HIS B 299 -12.42 6.01 16.35
CA HIS B 299 -13.60 6.45 17.08
C HIS B 299 -13.21 7.37 18.26
N PRO B 300 -14.10 8.30 18.63
CA PRO B 300 -13.82 9.24 19.72
C PRO B 300 -13.39 8.54 21.00
N VAL B 301 -12.46 9.15 21.74
CA VAL B 301 -11.92 8.53 22.94
C VAL B 301 -13.02 8.31 23.99
N THR B 302 -12.99 7.15 24.63
CA THR B 302 -13.97 6.83 25.68
C THR B 302 -13.51 7.39 27.02
N SER B 303 -14.48 7.61 27.92
CA SER B 303 -14.16 8.16 29.24
C SER B 303 -13.73 7.06 30.21
N PRO C 2 -16.39 -26.45 -13.50
CA PRO C 2 -16.82 -27.30 -14.62
C PRO C 2 -18.32 -27.27 -14.86
N ASP C 3 -19.06 -26.63 -13.95
CA ASP C 3 -20.53 -26.65 -14.03
C ASP C 3 -21.20 -25.28 -14.11
N TYR C 4 -20.56 -24.30 -14.73
CA TYR C 4 -21.15 -22.97 -14.82
C TYR C 4 -21.99 -22.74 -16.08
N PHE C 5 -21.98 -23.71 -16.98
CA PHE C 5 -22.62 -23.51 -18.29
C PHE C 5 -23.80 -24.44 -18.53
N LEU C 6 -24.55 -24.72 -17.46
CA LEU C 6 -25.73 -25.57 -17.55
C LEU C 6 -26.99 -24.73 -17.80
N PRO D 2 6.45 29.24 18.44
CA PRO D 2 6.90 28.18 19.34
C PRO D 2 8.34 28.24 19.84
N ASP D 3 8.50 28.60 21.11
CA ASP D 3 9.66 28.16 21.88
C ASP D 3 9.10 27.15 22.88
N TYR D 4 9.35 25.88 22.59
CA TYR D 4 8.73 24.79 23.32
C TYR D 4 9.37 24.54 24.68
N PHE D 5 10.46 25.26 24.93
CA PHE D 5 11.27 25.05 26.14
C PHE D 5 11.13 26.22 27.12
N LEU D 6 10.12 27.05 26.90
CA LEU D 6 9.74 28.08 27.86
C LEU D 6 8.73 27.51 28.85
#